data_9CR7
#
_entry.id   9CR7
#
_cell.length_a   35.715
_cell.length_b   102.457
_cell.length_c   110.713
_cell.angle_alpha   90.00
_cell.angle_beta   90.00
_cell.angle_gamma   90.00
#
_symmetry.space_group_name_H-M   'P 21 21 21'
#
loop_
_entity.id
_entity.type
_entity.pdbx_description
1 polymer 'N-lysine methyltransferase KMT5A'
2 non-polymer N-(3-{[7-(2-aminoethoxy)-6-methoxy-2-(pyrrolidin-1-yl)quinazolin-4-yl]amino}propyl)prop-2-enamide
3 non-polymer N-(3-{[7-(2-aminoethoxy)-6-methoxy-2-(pyrrolidin-1-yl)quinazolin-4-yl]amino}propyl)prop-2-ynamide
4 water water
#
_entity_poly.entity_id   1
_entity_poly.type   'polypeptide(L)'
_entity_poly.pdbx_seq_one_letter_code
;MSYYHHHHHHDYDIPTTENLYFQGAMGSRKSKAELQSEERKRIDELIESGKEEGMKIDLIDGKGRGVIATKQFSRGDFVV
EYHGDLIEITDAKKREALYAQDPSTGCYMYYFQYLSKTYCVDATRETNRLGRLINHSKSGNCQTKLHDIDGVPHLILIAS
RDIAAGEELLYDYGDR
;
_entity_poly.pdbx_strand_id   A,B
#
loop_
_chem_comp.id
_chem_comp.type
_chem_comp.name
_chem_comp.formula
E1J non-polymer N-(3-{[7-(2-aminoethoxy)-6-methoxy-2-(pyrrolidin-1-yl)quinazolin-4-yl]amino}propyl)prop-2-enamide 'C21 H30 N6 O3'
H81 non-polymer N-(3-{[7-(2-aminoethoxy)-6-methoxy-2-(pyrrolidin-1-yl)quinazolin-4-yl]amino}propyl)prop-2-ynamide 'C21 H28 N6 O3'
#
# COMPACT_ATOMS: atom_id res chain seq x y z
N LYS A 30 44.59 2.06 -11.33
CA LYS A 30 43.27 2.60 -11.04
C LYS A 30 42.95 2.57 -9.54
N SER A 31 42.71 3.74 -8.96
CA SER A 31 42.42 3.84 -7.55
C SER A 31 40.97 3.46 -7.27
N LYS A 32 40.66 3.31 -5.97
CA LYS A 32 39.28 3.02 -5.59
C LYS A 32 38.36 4.16 -5.99
N ALA A 33 38.81 5.41 -5.83
CA ALA A 33 37.99 6.55 -6.23
C ALA A 33 37.69 6.51 -7.72
N GLU A 34 38.68 6.13 -8.54
CA GLU A 34 38.45 6.06 -9.98
C GLU A 34 37.53 4.90 -10.34
N LEU A 35 37.68 3.76 -9.66
CA LEU A 35 36.77 2.64 -9.89
C LEU A 35 35.34 3.02 -9.53
N GLN A 36 35.16 3.80 -8.46
CA GLN A 36 33.82 4.25 -8.10
C GLN A 36 33.25 5.23 -9.10
N SER A 37 34.11 6.05 -9.73
CA SER A 37 33.63 6.97 -10.75
C SER A 37 33.11 6.22 -11.97
N GLU A 38 33.86 5.21 -12.44
CA GLU A 38 33.43 4.45 -13.60
C GLU A 38 32.19 3.61 -13.29
N GLU A 39 32.02 3.23 -12.02
CA GLU A 39 30.80 2.53 -11.62
C GLU A 39 29.59 3.46 -11.69
N ARG A 40 29.74 4.69 -11.19
CA ARG A 40 28.65 5.65 -11.25
C ARG A 40 28.27 5.96 -12.70
N LYS A 41 29.26 6.07 -13.59
CA LYS A 41 28.97 6.29 -15.00
C LYS A 41 28.24 5.11 -15.61
N ARG A 42 28.62 3.89 -15.22
CA ARG A 42 27.89 2.71 -15.68
C ARG A 42 26.45 2.70 -15.18
N ILE A 43 26.22 3.23 -13.98
CA ILE A 43 24.86 3.27 -13.46
C ILE A 43 24.05 4.36 -14.16
N ASP A 44 24.66 5.52 -14.41
CA ASP A 44 23.99 6.57 -15.17
C ASP A 44 23.48 6.04 -16.51
N GLU A 45 24.34 5.31 -17.22
CA GLU A 45 23.96 4.82 -18.55
C GLU A 45 22.82 3.82 -18.45
N LEU A 46 22.79 2.99 -17.42
CA LEU A 46 21.70 2.03 -17.26
C LEU A 46 20.40 2.72 -16.86
N ILE A 47 20.50 3.75 -16.01
CA ILE A 47 19.29 4.46 -15.59
C ILE A 47 18.66 5.19 -16.77
N GLU A 48 19.47 5.88 -17.58
CA GLU A 48 18.90 6.66 -18.66
C GLU A 48 18.53 5.80 -19.87
N SER A 49 19.09 4.61 -20.01
CA SER A 49 18.69 3.69 -21.06
C SER A 49 17.47 2.86 -20.69
N GLY A 50 17.18 2.71 -19.40
CA GLY A 50 16.06 1.92 -18.95
C GLY A 50 16.18 0.43 -19.20
N LYS A 51 17.30 -0.05 -19.74
CA LYS A 51 17.49 -1.48 -19.87
C LYS A 51 17.61 -2.11 -18.50
N GLU A 52 16.93 -3.24 -18.30
CA GLU A 52 16.86 -3.91 -17.00
C GLU A 52 17.21 -5.39 -17.18
N GLU A 53 18.45 -5.64 -17.56
CA GLU A 53 18.91 -6.99 -17.84
C GLU A 53 19.34 -7.69 -16.55
N GLY A 54 19.46 -9.02 -16.64
CA GLY A 54 19.82 -9.82 -15.49
C GLY A 54 18.67 -10.21 -14.59
N MET A 55 17.43 -9.91 -14.97
CA MET A 55 16.27 -10.15 -14.13
C MET A 55 15.11 -10.63 -15.00
N LYS A 56 14.15 -11.32 -14.37
CA LYS A 56 12.94 -11.74 -15.07
C LYS A 56 11.81 -11.89 -14.06
N ILE A 57 10.60 -11.77 -14.57
CA ILE A 57 9.41 -11.80 -13.72
C ILE A 57 9.16 -13.21 -13.22
N ASP A 58 8.70 -13.31 -11.97
CA ASP A 58 8.21 -14.55 -11.38
C ASP A 58 6.72 -14.67 -11.65
N LEU A 59 6.33 -15.81 -12.23
CA LEU A 59 4.95 -16.08 -12.60
C LEU A 59 4.38 -17.19 -11.73
N ILE A 60 3.29 -16.89 -11.03
CA ILE A 60 2.40 -17.90 -10.50
C ILE A 60 0.98 -17.53 -10.92
N ASP A 61 0.26 -18.49 -11.53
CA ASP A 61 -1.15 -18.31 -11.93
C ASP A 61 -1.33 -17.08 -12.81
N GLY A 62 -0.42 -16.89 -13.75
CA GLY A 62 -0.55 -15.81 -14.72
C GLY A 62 -0.38 -14.41 -14.19
N LYS A 63 0.17 -14.25 -12.98
CA LYS A 63 0.30 -12.95 -12.36
C LYS A 63 1.77 -12.69 -12.00
N GLY A 64 2.23 -11.47 -12.28
CA GLY A 64 3.58 -11.07 -11.92
C GLY A 64 3.73 -10.84 -10.43
N ARG A 65 4.39 -11.77 -9.74
CA ARG A 65 4.44 -11.75 -8.28
C ARG A 65 5.81 -11.42 -7.71
N GLY A 66 6.88 -11.53 -8.50
CA GLY A 66 8.21 -11.25 -8.01
C GLY A 66 9.20 -11.16 -9.17
N VAL A 67 10.48 -11.08 -8.81
CA VAL A 67 11.57 -10.92 -9.79
C VAL A 67 12.72 -11.85 -9.40
N ILE A 68 13.22 -12.62 -10.37
CA ILE A 68 14.30 -13.57 -10.17
C ILE A 68 15.55 -13.05 -10.86
N ALA A 69 16.70 -13.14 -10.19
CA ALA A 69 17.96 -12.84 -10.83
C ALA A 69 18.28 -13.94 -11.85
N THR A 70 18.61 -13.53 -13.07
CA THR A 70 19.04 -14.48 -14.09
C THR A 70 20.54 -14.46 -14.29
N LYS A 71 21.27 -13.72 -13.47
CA LYS A 71 22.72 -13.66 -13.55
C LYS A 71 23.24 -13.37 -12.15
N GLN A 72 24.54 -13.60 -11.97
CA GLN A 72 25.18 -13.28 -10.70
C GLN A 72 25.23 -11.77 -10.47
N PHE A 73 25.13 -11.38 -9.21
CA PHE A 73 25.39 -10.01 -8.79
C PHE A 73 26.38 -10.06 -7.65
N SER A 74 27.35 -9.14 -7.67
CA SER A 74 28.30 -9.05 -6.57
C SER A 74 27.81 -8.00 -5.57
N ARG A 75 28.19 -8.21 -4.31
CA ARG A 75 27.86 -7.27 -3.25
C ARG A 75 28.15 -5.84 -3.67
N GLY A 76 27.14 -4.98 -3.57
CA GLY A 76 27.28 -3.59 -3.96
C GLY A 76 26.95 -3.27 -5.40
N ASP A 77 26.80 -4.28 -6.26
CA ASP A 77 26.45 -4.05 -7.65
C ASP A 77 25.07 -3.40 -7.77
N PHE A 78 24.92 -2.49 -8.74
CA PHE A 78 23.61 -1.97 -9.10
C PHE A 78 22.73 -3.10 -9.62
N VAL A 79 21.49 -3.17 -9.15
CA VAL A 79 20.53 -4.16 -9.62
C VAL A 79 19.50 -3.51 -10.54
N VAL A 80 18.71 -2.57 -10.00
CA VAL A 80 17.65 -1.94 -10.77
C VAL A 80 17.24 -0.67 -10.05
N GLU A 81 16.64 0.27 -10.79
CA GLU A 81 16.05 1.46 -10.20
C GLU A 81 14.60 1.18 -9.78
N TYR A 82 14.19 1.80 -8.67
CA TYR A 82 12.77 1.93 -8.38
C TYR A 82 12.30 3.11 -9.21
N HIS A 83 11.78 2.82 -10.40
CA HIS A 83 11.53 3.86 -11.39
C HIS A 83 10.18 4.51 -11.17
N GLY A 84 10.12 5.82 -11.39
CA GLY A 84 8.89 6.56 -11.21
C GLY A 84 9.14 8.05 -11.36
N ASP A 85 8.04 8.80 -11.35
CA ASP A 85 8.12 10.24 -11.43
C ASP A 85 8.69 10.80 -10.12
N LEU A 86 9.77 11.56 -10.23
CA LEU A 86 10.33 12.23 -9.06
C LEU A 86 9.60 13.56 -8.85
N ILE A 87 8.91 13.69 -7.71
CA ILE A 87 8.03 14.83 -7.45
C ILE A 87 8.25 15.32 -6.02
N GLU A 88 7.77 16.53 -5.76
CA GLU A 88 7.83 17.11 -4.42
C GLU A 88 6.48 16.94 -3.72
N ILE A 89 6.41 17.43 -2.48
CA ILE A 89 5.33 17.04 -1.58
C ILE A 89 3.98 17.53 -2.09
N THR A 90 3.94 18.73 -2.69
CA THR A 90 2.67 19.31 -3.11
C THR A 90 2.05 18.49 -4.24
N ASP A 91 2.82 18.20 -5.28
CA ASP A 91 2.32 17.34 -6.35
C ASP A 91 2.01 15.94 -5.82
N ALA A 92 2.80 15.47 -4.85
CA ALA A 92 2.63 14.11 -4.34
C ALA A 92 1.33 13.97 -3.56
N LYS A 93 1.05 14.93 -2.67
CA LYS A 93 -0.19 14.86 -1.89
C LYS A 93 -1.41 14.95 -2.78
N LYS A 94 -1.29 15.59 -3.94
CA LYS A 94 -2.42 15.62 -4.88
C LYS A 94 -2.62 14.22 -5.46
N ARG A 95 -1.55 13.65 -6.04
CA ARG A 95 -1.65 12.31 -6.61
C ARG A 95 -2.15 11.29 -5.58
N GLU A 96 -1.72 11.44 -4.31
CA GLU A 96 -2.12 10.47 -3.29
C GLU A 96 -3.62 10.50 -3.04
N ALA A 97 -4.22 11.69 -3.02
CA ALA A 97 -5.65 11.79 -2.84
C ALA A 97 -6.39 11.19 -4.04
N LEU A 98 -5.87 11.43 -5.25
CA LEU A 98 -6.48 10.84 -6.43
C LEU A 98 -6.34 9.33 -6.44
N TYR A 99 -5.18 8.83 -5.99
CA TYR A 99 -4.95 7.38 -5.98
C TYR A 99 -5.82 6.68 -4.94
N ALA A 100 -6.19 7.37 -3.87
CA ALA A 100 -6.93 6.69 -2.77
C ALA A 100 -8.34 6.34 -3.23
N GLN A 101 -8.89 7.12 -4.14
CA GLN A 101 -10.25 6.86 -4.66
C GLN A 101 -10.30 5.52 -5.40
N ASP A 102 -9.14 5.02 -5.85
CA ASP A 102 -9.15 3.76 -6.64
C ASP A 102 -8.09 2.81 -6.10
N PRO A 103 -8.47 1.75 -5.39
CA PRO A 103 -7.50 0.77 -4.89
C PRO A 103 -6.74 0.00 -5.97
N SER A 104 -7.24 0.04 -7.21
CA SER A 104 -6.55 -0.66 -8.32
C SER A 104 -5.15 -0.06 -8.53
N THR A 105 -4.94 1.16 -8.06
CA THR A 105 -3.65 1.85 -8.23
C THR A 105 -2.58 1.11 -7.47
N GLY A 106 -2.80 0.89 -6.18
CA GLY A 106 -1.74 0.29 -5.34
C GLY A 106 -0.98 1.38 -4.62
N CYS A 107 -0.14 1.00 -3.66
CA CYS A 107 0.63 2.00 -2.85
C CYS A 107 2.09 1.98 -3.31
N TYR A 108 2.41 2.79 -4.32
CA TYR A 108 3.76 2.75 -4.88
C TYR A 108 4.54 4.04 -4.67
N MET A 109 4.06 4.94 -3.82
CA MET A 109 4.71 6.22 -3.65
C MET A 109 5.69 6.14 -2.47
N TYR A 110 6.98 6.29 -2.79
CA TYR A 110 8.07 6.17 -1.84
C TYR A 110 8.62 7.54 -1.50
N TYR A 111 8.59 7.91 -0.23
CA TYR A 111 9.06 9.20 0.24
C TYR A 111 10.45 9.08 0.87
N PHE A 112 11.28 10.10 0.66
CA PHE A 112 12.63 10.07 1.20
C PHE A 112 13.16 11.50 1.31
N GLN A 113 14.21 11.64 2.13
CA GLN A 113 14.92 12.91 2.30
C GLN A 113 16.21 12.88 1.49
N TYR A 114 16.48 13.98 0.80
CA TYR A 114 17.73 14.13 0.05
C TYR A 114 18.20 15.56 0.17
N LEU A 115 19.34 15.75 0.85
CA LEU A 115 19.93 17.07 1.05
C LEU A 115 18.93 18.04 1.66
N SER A 116 18.33 17.62 2.79
CA SER A 116 17.40 18.43 3.55
C SER A 116 16.19 18.82 2.69
N LYS A 117 15.58 17.81 2.07
CA LYS A 117 14.50 18.08 1.14
C LYS A 117 13.68 16.81 0.95
N THR A 118 12.36 16.92 1.04
CA THR A 118 11.48 15.78 0.91
C THR A 118 11.15 15.52 -0.55
N TYR A 119 11.34 14.29 -0.99
CA TYR A 119 11.01 13.87 -2.34
C TYR A 119 10.09 12.68 -2.30
N CYS A 120 9.49 12.37 -3.45
CA CYS A 120 8.68 11.18 -3.61
C CYS A 120 8.96 10.58 -4.98
N VAL A 121 9.19 9.27 -5.02
CA VAL A 121 9.23 8.52 -6.27
C VAL A 121 7.88 7.84 -6.42
N ASP A 122 7.13 8.22 -7.45
CA ASP A 122 5.78 7.69 -7.68
C ASP A 122 5.85 6.66 -8.80
N ALA A 123 5.84 5.38 -8.43
CA ALA A 123 5.84 4.27 -9.38
C ALA A 123 4.44 3.67 -9.55
N THR A 124 3.39 4.48 -9.42
CA THR A 124 2.03 3.94 -9.47
C THR A 124 1.67 3.47 -10.87
N ARG A 125 1.98 3.77 -11.56
CA ARG A 125 1.73 3.50 -12.98
C ARG A 125 2.17 2.09 -13.36
N GLU A 126 1.26 1.50 -13.88
CA GLU A 126 1.56 0.12 -14.25
C GLU A 126 2.40 0.10 -15.51
N THR A 127 3.61 -0.43 -15.40
CA THR A 127 4.57 -0.37 -16.49
C THR A 127 5.28 -1.70 -16.59
N ASN A 128 6.22 -1.79 -17.53
CA ASN A 128 7.05 -2.97 -17.69
C ASN A 128 8.28 -2.94 -16.79
N ARG A 129 8.47 -1.89 -16.00
CA ARG A 129 9.66 -1.78 -15.16
C ARG A 129 9.60 -2.80 -14.04
N LEU A 130 10.76 -3.40 -13.73
CA LEU A 130 10.79 -4.50 -12.77
C LEU A 130 11.08 -4.08 -11.35
N GLY A 131 11.62 -2.88 -11.12
CA GLY A 131 11.97 -2.49 -9.76
C GLY A 131 10.80 -2.52 -8.81
N ARG A 132 9.63 -2.08 -9.27
CA ARG A 132 8.42 -2.05 -8.46
C ARG A 132 7.81 -3.43 -8.25
N LEU A 133 8.35 -4.46 -8.89
CA LEU A 133 7.86 -5.82 -8.72
C LEU A 133 8.66 -6.62 -7.70
N ILE A 134 9.78 -6.08 -7.24
CA ILE A 134 10.64 -6.79 -6.31
C ILE A 134 10.02 -6.79 -4.91
N ASN A 135 9.89 -7.97 -4.33
CA ASN A 135 9.23 -8.10 -3.04
C ASN A 135 10.13 -7.66 -1.90
N HIS A 136 9.51 -7.27 -0.80
CA HIS A 136 10.26 -6.95 0.41
C HIS A 136 10.52 -8.22 1.21
N SER A 137 11.68 -8.25 1.87
CA SER A 137 11.98 -9.25 2.87
C SER A 137 12.91 -8.62 3.91
N LYS A 138 12.65 -8.93 5.18
CA LYS A 138 13.50 -8.47 6.27
C LYS A 138 14.93 -8.97 6.12
N SER A 139 15.12 -10.10 5.45
CA SER A 139 16.46 -10.61 5.15
C SER A 139 16.66 -10.75 3.64
N GLY A 140 16.48 -9.65 2.92
CA GLY A 140 16.58 -9.67 1.47
C GLY A 140 18.03 -9.71 1.00
N ASN A 141 18.19 -9.60 -0.31
CA ASN A 141 19.51 -9.54 -0.92
C ASN A 141 19.76 -8.22 -1.63
N CYS A 142 18.79 -7.31 -1.62
CA CYS A 142 18.93 -5.98 -2.19
C CYS A 142 18.60 -4.94 -1.13
N GLN A 143 19.28 -3.80 -1.19
CA GLN A 143 18.97 -2.68 -0.33
C GLN A 143 18.90 -1.41 -1.16
N THR A 144 18.28 -0.39 -0.60
CA THR A 144 18.06 0.86 -1.30
C THR A 144 19.26 1.78 -1.15
N LYS A 145 19.41 2.67 -2.13
CA LYS A 145 20.48 3.65 -2.12
C LYS A 145 20.10 4.79 -3.06
N LEU A 146 20.44 6.00 -2.66
CA LEU A 146 20.19 7.17 -3.50
C LEU A 146 21.37 7.38 -4.43
N HIS A 147 21.10 7.48 -5.73
CA HIS A 147 22.12 7.69 -6.75
C HIS A 147 21.86 9.05 -7.40
N ASP A 148 22.84 9.94 -7.32
CA ASP A 148 22.72 11.30 -7.81
C ASP A 148 23.16 11.38 -9.27
N ILE A 149 22.34 12.02 -10.10
CA ILE A 149 22.69 12.35 -11.48
C ILE A 149 22.42 13.84 -11.67
N ASP A 150 23.48 14.64 -11.68
CA ASP A 150 23.38 16.09 -11.88
C ASP A 150 22.48 16.75 -10.84
N GLY A 151 22.56 16.26 -9.60
CA GLY A 151 21.76 16.80 -8.52
C GLY A 151 20.36 16.22 -8.42
N VAL A 152 20.00 15.28 -9.28
CA VAL A 152 18.67 14.65 -9.25
C VAL A 152 18.81 13.30 -8.59
N PRO A 153 18.13 13.04 -7.47
CA PRO A 153 18.25 11.74 -6.81
C PRO A 153 17.45 10.66 -7.51
N HIS A 154 18.04 9.47 -7.60
CA HIS A 154 17.34 8.29 -8.08
C HIS A 154 17.43 7.21 -7.02
N LEU A 155 16.30 6.56 -6.73
CA LEU A 155 16.30 5.44 -5.80
C LEU A 155 16.67 4.18 -6.57
N ILE A 156 17.79 3.57 -6.21
CA ILE A 156 18.23 2.34 -6.87
C ILE A 156 18.32 1.25 -5.82
N LEU A 157 18.29 0.01 -6.31
CA LEU A 157 18.53 -1.16 -5.51
C LEU A 157 19.92 -1.70 -5.84
N ILE A 158 20.73 -1.93 -4.81
CA ILE A 158 22.04 -2.54 -4.95
C ILE A 158 22.04 -3.86 -4.19
N ALA A 159 22.92 -4.77 -4.60
CA ALA A 159 23.03 -6.07 -3.96
C ALA A 159 23.65 -5.91 -2.57
N SER A 160 22.93 -6.33 -1.53
CA SER A 160 23.49 -6.29 -0.18
C SER A 160 24.42 -7.46 0.10
N ARG A 161 24.51 -8.42 -0.82
CA ARG A 161 25.43 -9.54 -0.72
C ARG A 161 25.57 -10.12 -2.12
N ASP A 162 26.54 -11.02 -2.30
CA ASP A 162 26.63 -11.75 -3.55
C ASP A 162 25.35 -12.52 -3.80
N ILE A 163 24.79 -12.36 -5.00
CA ILE A 163 23.51 -12.98 -5.36
C ILE A 163 23.78 -14.03 -6.42
N ALA A 164 23.24 -15.22 -6.23
CA ALA A 164 23.40 -16.28 -7.22
C ALA A 164 22.30 -16.18 -8.27
N ALA A 165 22.62 -16.64 -9.48
CA ALA A 165 21.62 -16.72 -10.52
C ALA A 165 20.54 -17.70 -10.11
N GLY A 166 19.28 -17.31 -10.31
CA GLY A 166 18.15 -18.09 -9.88
C GLY A 166 17.50 -17.63 -8.59
N GLU A 167 18.19 -16.80 -7.81
CA GLU A 167 17.61 -16.25 -6.60
C GLU A 167 16.47 -15.30 -6.91
N GLU A 168 15.43 -15.32 -6.10
CA GLU A 168 14.50 -14.22 -6.08
C GLU A 168 15.17 -12.99 -5.50
N LEU A 169 14.97 -11.85 -6.16
CA LEU A 169 15.44 -10.57 -5.62
C LEU A 169 14.47 -10.08 -4.56
N LEU A 170 14.98 -9.75 -3.38
CA LEU A 170 14.19 -9.28 -2.26
C LEU A 170 14.87 -8.06 -1.65
N TYR A 171 14.13 -6.97 -1.48
CA TYR A 171 14.72 -5.72 -1.02
C TYR A 171 14.39 -5.46 0.44
N ASP A 172 15.31 -4.75 1.11
CA ASP A 172 15.09 -4.12 2.41
C ASP A 172 15.65 -2.71 2.35
N TYR A 173 15.32 -1.89 3.35
CA TYR A 173 15.77 -0.51 3.37
C TYR A 173 17.16 -0.42 3.98
N GLY A 174 18.10 0.13 3.21
CA GLY A 174 19.46 0.30 3.67
C GLY A 174 20.12 1.54 3.11
N LEU B 35 -38.43 7.25 17.50
CA LEU B 35 -37.94 6.12 16.67
C LEU B 35 -36.54 6.45 16.15
N GLN B 36 -36.34 7.67 15.65
CA GLN B 36 -35.01 8.09 15.15
C GLN B 36 -33.95 7.83 16.22
N SER B 37 -34.14 8.39 17.42
CA SER B 37 -33.17 8.22 18.52
C SER B 37 -32.89 6.73 18.72
N GLU B 38 -33.95 5.93 18.79
CA GLU B 38 -33.79 4.47 19.03
C GLU B 38 -32.92 3.86 17.91
N GLU B 39 -33.22 4.15 16.65
CA GLU B 39 -32.48 3.48 15.56
C GLU B 39 -31.00 3.88 15.63
N ARG B 40 -30.72 5.16 15.83
CA ARG B 40 -29.34 5.61 15.94
C ARG B 40 -28.64 4.93 17.11
N LYS B 41 -29.38 4.65 18.18
CA LYS B 41 -28.81 3.97 19.33
C LYS B 41 -28.43 2.53 19.00
N ARG B 42 -29.20 1.86 18.15
CA ARG B 42 -28.90 0.48 17.81
C ARG B 42 -27.63 0.39 16.97
N ILE B 43 -27.46 1.33 16.03
CA ILE B 43 -26.21 1.37 15.25
C ILE B 43 -25.03 1.60 16.18
N ASP B 44 -25.17 2.52 17.15
CA ASP B 44 -24.12 2.73 18.13
C ASP B 44 -23.76 1.44 18.84
N GLU B 45 -24.76 0.73 19.37
CA GLU B 45 -24.50 -0.51 20.09
C GLU B 45 -23.76 -1.51 19.23
N LEU B 46 -24.11 -1.62 17.94
CA LEU B 46 -23.38 -2.51 17.06
C LEU B 46 -21.92 -2.11 16.98
N ILE B 47 -21.65 -0.81 16.80
CA ILE B 47 -20.28 -0.33 16.68
C ILE B 47 -19.50 -0.58 17.97
N GLU B 48 -20.14 -0.35 19.12
CA GLU B 48 -19.43 -0.47 20.39
C GLU B 48 -19.22 -1.92 20.78
N SER B 49 -20.24 -2.77 20.59
CA SER B 49 -20.10 -4.18 20.93
C SER B 49 -19.07 -4.88 20.06
N GLY B 50 -18.74 -4.32 18.91
CA GLY B 50 -17.80 -4.96 18.01
C GLY B 50 -18.24 -6.29 17.45
N LYS B 51 -19.44 -6.75 17.76
CA LYS B 51 -19.96 -7.96 17.14
C LYS B 51 -20.23 -7.70 15.67
N GLU B 52 -19.73 -8.57 14.82
CA GLU B 52 -19.78 -8.40 13.38
C GLU B 52 -20.49 -9.60 12.78
N GLU B 53 -21.76 -9.74 13.11
CA GLU B 53 -22.55 -10.87 12.67
C GLU B 53 -23.05 -10.65 11.25
N GLY B 54 -23.45 -11.74 10.60
CA GLY B 54 -23.91 -11.67 9.24
C GLY B 54 -22.84 -11.71 8.16
N MET B 55 -21.57 -11.90 8.53
CA MET B 55 -20.47 -12.01 7.58
C MET B 55 -19.56 -13.16 7.97
N LYS B 56 -18.70 -13.57 7.04
CA LYS B 56 -17.67 -14.54 7.35
C LYS B 56 -16.51 -14.38 6.37
N ILE B 57 -15.35 -14.89 6.78
CA ILE B 57 -14.14 -14.74 5.98
C ILE B 57 -14.19 -15.66 4.76
N ASP B 58 -13.74 -15.15 3.63
CA ASP B 58 -13.47 -15.95 2.43
C ASP B 58 -12.01 -16.40 2.45
N LEU B 59 -11.78 -17.71 2.42
CA LEU B 59 -10.46 -18.30 2.55
C LEU B 59 -10.02 -18.95 1.25
N ILE B 60 -8.94 -18.46 0.66
CA ILE B 60 -8.24 -19.17 -0.42
C ILE B 60 -6.79 -19.37 0.03
N ASP B 61 -6.31 -20.62 -0.05
CA ASP B 61 -4.91 -20.94 0.36
C ASP B 61 -4.71 -20.52 1.82
N GLY B 62 -5.69 -20.80 2.67
CA GLY B 62 -5.57 -20.44 4.07
C GLY B 62 -5.41 -18.98 4.36
N LYS B 63 -5.51 -18.11 3.35
CA LYS B 63 -5.34 -16.68 3.52
C LYS B 63 -6.72 -16.01 3.49
N GLY B 64 -6.99 -15.19 4.50
CA GLY B 64 -8.18 -14.37 4.48
C GLY B 64 -8.10 -13.33 3.38
N ARG B 65 -8.92 -13.51 2.34
CA ARG B 65 -8.84 -12.62 1.15
C ARG B 65 -10.10 -11.76 0.95
N GLY B 66 -11.22 -12.09 1.60
CA GLY B 66 -12.45 -11.34 1.39
C GLY B 66 -13.48 -11.69 2.45
N VAL B 67 -14.65 -11.06 2.32
CA VAL B 67 -15.74 -11.23 3.28
C VAL B 67 -17.03 -11.53 2.52
N ILE B 68 -17.77 -12.53 3.00
CA ILE B 68 -19.00 -12.99 2.37
C ILE B 68 -20.16 -12.69 3.31
N ALA B 69 -21.27 -12.21 2.76
CA ALA B 69 -22.48 -12.03 3.55
C ALA B 69 -23.11 -13.39 3.81
N THR B 70 -23.49 -13.63 5.06
CA THR B 70 -24.21 -14.84 5.46
C THR B 70 -25.68 -14.56 5.73
N LYS B 71 -26.14 -13.32 5.55
CA LYS B 71 -27.54 -12.98 5.71
C LYS B 71 -27.84 -11.83 4.76
N GLN B 72 -29.13 -11.63 4.49
CA GLN B 72 -29.53 -10.51 3.66
C GLN B 72 -29.25 -9.19 4.36
N PHE B 73 -28.98 -8.18 3.55
CA PHE B 73 -28.98 -6.79 4.02
C PHE B 73 -29.89 -6.00 3.12
N SER B 74 -30.67 -5.11 3.72
CA SER B 74 -31.46 -4.18 2.92
C SER B 74 -30.65 -2.92 2.66
N ARG B 75 -30.98 -2.24 1.56
CA ARG B 75 -30.27 -1.02 1.20
C ARG B 75 -30.30 -0.03 2.36
N GLY B 76 -29.14 0.53 2.67
CA GLY B 76 -29.01 1.44 3.79
C GLY B 76 -28.70 0.81 5.12
N ASP B 77 -28.83 -0.51 5.25
CA ASP B 77 -28.53 -1.18 6.50
C ASP B 77 -27.04 -1.04 6.86
N PHE B 78 -26.77 -0.94 8.15
CA PHE B 78 -25.41 -0.99 8.65
C PHE B 78 -24.81 -2.35 8.35
N VAL B 79 -23.59 -2.37 7.84
CA VAL B 79 -22.93 -3.63 7.57
C VAL B 79 -21.83 -3.86 8.59
N VAL B 80 -20.80 -3.01 8.57
CA VAL B 80 -19.64 -3.17 9.43
C VAL B 80 -18.90 -1.86 9.51
N GLU B 81 -18.16 -1.68 10.60
CA GLU B 81 -17.25 -0.55 10.74
C GLU B 81 -15.88 -0.89 10.15
N TYR B 82 -15.27 0.08 9.49
CA TYR B 82 -13.84 0.02 9.23
C TYR B 82 -13.16 0.45 10.53
N HIS B 83 -12.82 -0.54 11.35
CA HIS B 83 -12.39 -0.29 12.72
C HIS B 83 -10.89 -0.03 12.79
N GLY B 84 -10.51 0.96 13.59
CA GLY B 84 -9.11 1.26 13.78
C GLY B 84 -8.94 2.39 14.78
N ASP B 85 -7.70 2.83 14.95
CA ASP B 85 -7.42 3.98 15.80
C ASP B 85 -7.81 5.26 15.10
N LEU B 86 -8.63 6.08 15.74
CA LEU B 86 -8.99 7.39 15.21
C LEU B 86 -7.97 8.40 15.71
N ILE B 87 -7.20 8.98 14.79
CA ILE B 87 -6.11 9.87 15.13
C ILE B 87 -6.15 11.08 14.20
N GLU B 88 -5.34 12.08 14.53
CA GLU B 88 -5.31 13.31 13.76
C GLU B 88 -4.06 13.35 12.89
N ILE B 89 -3.88 14.46 12.18
CA ILE B 89 -2.91 14.50 11.09
C ILE B 89 -1.49 14.33 11.60
N THR B 90 -1.20 14.77 12.83
CA THR B 90 0.17 14.70 13.33
C THR B 90 0.57 13.26 13.64
N ASP B 91 -0.23 12.59 14.47
CA ASP B 91 0.08 11.21 14.83
C ASP B 91 -0.03 10.29 13.61
N ALA B 92 -0.84 10.66 12.62
CA ALA B 92 -1.01 9.81 11.44
C ALA B 92 0.27 9.73 10.61
N LYS B 93 0.91 10.88 10.37
CA LYS B 93 2.14 10.87 9.59
C LYS B 93 3.26 10.15 10.33
N LYS B 94 3.31 10.32 11.66
CA LYS B 94 4.31 9.62 12.46
C LYS B 94 4.16 8.11 12.32
N ARG B 95 2.91 7.61 12.34
CA ARG B 95 2.70 6.19 12.17
C ARG B 95 2.98 5.73 10.74
N GLU B 96 2.57 6.54 9.76
CA GLU B 96 2.68 6.10 8.37
C GLU B 96 4.14 5.95 7.95
N ALA B 97 5.02 6.84 8.42
CA ALA B 97 6.44 6.68 8.15
C ALA B 97 7.00 5.45 8.85
N LEU B 98 6.51 5.17 10.06
CA LEU B 98 6.94 3.97 10.77
C LEU B 98 6.43 2.72 10.08
N TYR B 99 5.19 2.77 9.57
CA TYR B 99 4.65 1.65 8.83
C TYR B 99 5.37 1.44 7.50
N ALA B 100 5.85 2.52 6.87
CA ALA B 100 6.48 2.42 5.56
C ALA B 100 7.75 1.56 5.62
N GLN B 101 8.49 1.63 6.72
CA GLN B 101 9.70 0.82 6.86
C GLN B 101 9.40 -0.67 6.98
N ASP B 102 8.12 -1.05 7.07
CA ASP B 102 7.73 -2.44 7.24
C ASP B 102 6.56 -2.73 6.29
N PRO B 103 6.86 -3.01 5.02
CA PRO B 103 5.77 -3.27 4.04
C PRO B 103 4.90 -4.46 4.38
N SER B 104 5.32 -5.31 5.32
CA SER B 104 4.43 -6.39 5.78
C SER B 104 3.22 -5.87 6.54
N THR B 105 3.21 -4.59 6.93
CA THR B 105 2.06 -4.05 7.64
C THR B 105 0.86 -3.89 6.71
N GLY B 106 1.08 -3.43 5.48
CA GLY B 106 0.01 -3.04 4.60
C GLY B 106 -0.35 -1.58 4.75
N CYS B 107 -1.17 -1.09 3.84
CA CYS B 107 -1.57 0.31 3.85
C CYS B 107 -3.04 0.41 4.24
N TYR B 108 -3.27 0.63 5.53
CA TYR B 108 -4.61 0.59 6.11
C TYR B 108 -5.07 1.92 6.67
N MET B 109 -4.35 3.02 6.43
CA MET B 109 -4.69 4.30 7.01
C MET B 109 -5.64 5.06 6.07
N TYR B 110 -6.86 5.30 6.54
CA TYR B 110 -7.91 5.97 5.77
C TYR B 110 -8.11 7.38 6.29
N TYR B 111 -7.92 8.37 5.43
CA TYR B 111 -8.06 9.77 5.80
C TYR B 111 -9.40 10.31 5.31
N PHE B 112 -9.97 11.23 6.09
CA PHE B 112 -11.25 11.80 5.72
C PHE B 112 -11.44 13.13 6.46
N GLN B 113 -12.37 13.92 5.95
CA GLN B 113 -12.77 15.19 6.55
C GLN B 113 -14.05 15.01 7.34
N TYR B 114 -14.12 15.61 8.52
CA TYR B 114 -15.35 15.62 9.31
C TYR B 114 -15.46 16.95 10.02
N LEU B 115 -16.49 17.72 9.69
CA LEU B 115 -16.75 19.03 10.29
C LEU B 115 -15.53 19.94 10.14
N SER B 116 -15.00 20.00 8.92
CA SER B 116 -13.83 20.83 8.60
C SER B 116 -12.65 20.47 9.49
N LYS B 117 -12.45 19.18 9.71
CA LYS B 117 -11.31 18.68 10.45
C LYS B 117 -10.86 17.37 9.82
N THR B 118 -9.55 17.18 9.69
CA THR B 118 -9.01 15.98 9.05
C THR B 118 -8.75 14.91 10.09
N TYR B 119 -9.35 13.74 9.88
CA TYR B 119 -9.15 12.58 10.73
C TYR B 119 -8.50 11.46 9.93
N CYS B 120 -8.02 10.45 10.65
CA CYS B 120 -7.52 9.24 10.02
C CYS B 120 -7.96 8.04 10.85
N VAL B 121 -8.44 7.00 10.17
CA VAL B 121 -8.74 5.73 10.80
C VAL B 121 -7.60 4.79 10.46
N ASP B 122 -6.86 4.38 11.48
CA ASP B 122 -5.67 3.55 11.31
C ASP B 122 -6.05 2.10 11.65
N ALA B 123 -6.34 1.31 10.63
CA ALA B 123 -6.64 -0.11 10.79
C ALA B 123 -5.43 -1.00 10.54
N THR B 124 -4.22 -0.52 10.80
CA THR B 124 -3.02 -1.27 10.44
C THR B 124 -2.86 -2.51 11.30
N ARG B 125 -3.20 -2.43 12.59
CA ARG B 125 -2.98 -3.58 13.46
C ARG B 125 -3.79 -4.77 12.98
N GLU B 126 -3.10 -5.87 12.66
CA GLU B 126 -3.76 -7.08 12.25
C GLU B 126 -4.64 -7.59 13.37
N THR B 127 -5.93 -7.71 13.10
CA THR B 127 -6.89 -8.10 14.13
C THR B 127 -7.91 -9.03 13.51
N ASN B 128 -8.90 -9.42 14.31
CA ASN B 128 -10.00 -10.25 13.84
C ASN B 128 -11.14 -9.43 13.24
N ARG B 129 -11.00 -8.11 13.14
CA ARG B 129 -12.07 -7.30 12.59
C ARG B 129 -12.21 -7.52 11.08
N LEU B 130 -13.46 -7.57 10.60
CA LEU B 130 -13.72 -7.96 9.22
C LEU B 130 -13.84 -6.78 8.26
N GLY B 131 -14.11 -5.57 8.75
CA GLY B 131 -14.25 -4.44 7.85
C GLY B 131 -13.02 -4.19 7.01
N ARG B 132 -11.84 -4.40 7.59
CA ARG B 132 -10.59 -4.22 6.87
C ARG B 132 -10.30 -5.34 5.88
N LEU B 133 -11.12 -6.41 5.87
CA LEU B 133 -10.94 -7.49 4.91
C LEU B 133 -11.82 -7.34 3.69
N ILE B 134 -12.76 -6.41 3.70
CA ILE B 134 -13.70 -6.25 2.59
C ILE B 134 -12.98 -5.62 1.40
N ASN B 135 -13.12 -6.26 0.24
CA ASN B 135 -12.42 -5.78 -0.97
C ASN B 135 -13.17 -4.61 -1.61
N HIS B 136 -12.44 -3.77 -2.36
CA HIS B 136 -13.08 -2.63 -3.06
C HIS B 136 -13.50 -3.04 -4.46
N SER B 137 -14.68 -2.60 -4.88
CA SER B 137 -15.12 -2.83 -6.28
C SER B 137 -15.86 -1.57 -6.73
N LYS B 138 -15.53 -1.10 -7.93
CA LYS B 138 -16.25 0.04 -8.46
C LYS B 138 -17.76 -0.23 -8.53
N SER B 139 -18.14 -1.50 -8.69
CA SER B 139 -19.54 -1.88 -8.66
C SER B 139 -19.83 -2.74 -7.44
N GLY B 140 -19.50 -2.23 -6.26
CA GLY B 140 -19.71 -2.97 -5.04
C GLY B 140 -21.13 -2.86 -4.53
N ASN B 141 -21.38 -3.53 -3.41
CA ASN B 141 -22.69 -3.50 -2.76
C ASN B 141 -22.68 -2.78 -1.42
N CYS B 142 -21.54 -2.20 -1.04
CA CYS B 142 -21.38 -1.46 0.20
C CYS B 142 -20.76 -0.10 -0.11
N GLN B 143 -21.14 0.91 0.67
CA GLN B 143 -20.52 2.22 0.53
C GLN B 143 -20.18 2.77 1.90
N THR B 144 -19.21 3.69 1.92
CA THR B 144 -18.77 4.32 3.15
C THR B 144 -19.75 5.41 3.58
N LYS B 145 -19.73 5.70 4.88
CA LYS B 145 -20.60 6.68 5.49
C LYS B 145 -20.07 6.97 6.88
N LEU B 146 -20.11 8.24 7.28
CA LEU B 146 -19.62 8.64 8.60
C LEU B 146 -20.77 8.59 9.60
N HIS B 147 -20.57 7.87 10.69
CA HIS B 147 -21.56 7.76 11.76
C HIS B 147 -21.00 8.43 13.00
N ASP B 148 -21.70 9.47 13.47
CA ASP B 148 -21.29 10.23 14.63
C ASP B 148 -21.75 9.56 15.92
N ILE B 149 -20.85 9.45 16.89
CA ILE B 149 -21.18 9.00 18.24
C ILE B 149 -20.61 10.04 19.20
N ASP B 150 -21.47 10.90 19.73
CA ASP B 150 -21.09 11.96 20.65
C ASP B 150 -19.98 12.83 20.09
N GLY B 151 -20.14 13.23 18.83
CA GLY B 151 -19.16 14.06 18.17
C GLY B 151 -17.96 13.34 17.59
N VAL B 152 -17.84 12.03 17.81
CA VAL B 152 -16.70 11.26 17.35
C VAL B 152 -17.08 10.54 16.06
N PRO B 153 -16.39 10.77 14.95
CA PRO B 153 -16.79 10.12 13.69
C PRO B 153 -16.33 8.68 13.64
N HIS B 154 -17.20 7.81 13.13
CA HIS B 154 -16.85 6.42 12.83
C HIS B 154 -17.12 6.15 11.37
N LEU B 155 -16.16 5.51 10.70
CA LEU B 155 -16.32 5.14 9.29
C LEU B 155 -16.97 3.76 9.24
N ILE B 156 -18.21 3.72 8.73
CA ILE B 156 -18.96 2.48 8.62
C ILE B 156 -19.25 2.19 7.16
N LEU B 157 -19.57 0.93 6.90
CA LEU B 157 -20.04 0.49 5.59
C LEU B 157 -21.53 0.19 5.69
N ILE B 158 -22.30 0.75 4.77
CA ILE B 158 -23.73 0.46 4.66
C ILE B 158 -23.98 -0.17 3.31
N ALA B 159 -25.09 -0.93 3.23
CA ALA B 159 -25.47 -1.56 1.99
C ALA B 159 -25.96 -0.52 0.99
N SER B 160 -25.32 -0.46 -0.18
CA SER B 160 -25.74 0.44 -1.24
C SER B 160 -26.88 -0.12 -2.07
N ARG B 161 -27.25 -1.37 -1.83
CA ARG B 161 -28.41 -2.00 -2.46
C ARG B 161 -28.78 -3.21 -1.60
N ASP B 162 -29.89 -3.83 -1.94
CA ASP B 162 -30.24 -5.10 -1.31
C ASP B 162 -29.17 -6.14 -1.62
N ILE B 163 -28.70 -6.82 -0.57
CA ILE B 163 -27.63 -7.81 -0.68
C ILE B 163 -28.23 -9.18 -0.35
N ALA B 164 -28.02 -10.15 -1.22
CA ALA B 164 -28.43 -11.52 -0.96
C ALA B 164 -27.39 -12.25 -0.13
N ALA B 165 -27.85 -13.21 0.66
CA ALA B 165 -26.93 -14.05 1.40
C ALA B 165 -26.06 -14.84 0.43
N GLY B 166 -24.78 -14.96 0.76
CA GLY B 166 -23.81 -15.59 -0.10
C GLY B 166 -22.98 -14.64 -0.94
N GLU B 167 -23.43 -13.39 -1.07
CA GLU B 167 -22.67 -12.40 -1.85
C GLU B 167 -21.37 -12.05 -1.17
N GLU B 168 -20.32 -11.83 -1.96
CA GLU B 168 -19.14 -11.19 -1.43
C GLU B 168 -19.44 -9.73 -1.16
N LEU B 169 -19.04 -9.24 0.00
CA LEU B 169 -19.16 -7.83 0.31
C LEU B 169 -18.04 -7.06 -0.37
N LEU B 170 -18.40 -6.02 -1.12
CA LEU B 170 -17.46 -5.20 -1.87
C LEU B 170 -17.82 -3.74 -1.67
N TYR B 171 -16.85 -2.92 -1.28
CA TYR B 171 -17.13 -1.53 -0.92
C TYR B 171 -16.65 -0.57 -1.99
N ASP B 172 -17.32 0.58 -2.05
CA ASP B 172 -16.84 1.77 -2.74
C ASP B 172 -17.11 2.96 -1.83
N TYR B 173 -16.57 4.12 -2.20
CA TYR B 173 -16.71 5.33 -1.40
C TYR B 173 -18.00 6.05 -1.78
N GLY B 174 -18.75 6.47 -0.77
CA GLY B 174 -20.02 7.14 -0.98
C GLY B 174 -20.04 8.59 -0.53
C4 E1J C . -8.97 -1.56 2.93
C5 E1J C . -7.77 -0.88 2.95
C6 E1J C . -7.79 0.54 3.18
N1 E1J C . -8.96 1.15 3.36
N2 E1J C . -7.65 -7.13 0.41
N3 E1J C . -10.13 -0.87 3.13
C1 E1J C . -8.76 -7.03 1.38
C2 E1J C . -10.10 0.45 3.33
CAA E1J C . -1.66 3.01 -0.26
CAB E1J C . -2.53 3.59 0.56
CAC E1J C . -3.99 3.16 0.33
CAF E1J C . -6.43 3.30 0.96
CAG E1J C . -7.23 3.56 2.26
CAH E1J C . -6.61 2.79 3.46
CAO E1J C . -8.98 -2.98 2.70
CAP E1J C . -7.79 -3.67 2.49
CAR E1J C . -9.01 -5.53 1.68
CAS E1J C . -6.55 -2.99 2.51
CAU E1J C . -4.16 -3.00 2.55
CAV E1J C . -6.53 -1.60 2.74
CAY E1J C . -12.79 0.59 3.62
CAZ E1J C . -13.72 1.86 3.83
CBA E1J C . -12.94 2.77 4.35
CBB E1J C . -11.43 2.51 3.76
NAE E1J C . -5.04 3.69 1.19
NAI E1J C . -6.56 1.34 3.20
NAX E1J C . -11.33 1.18 3.54
OAD E1J C . -4.31 2.40 -0.54
OAQ E1J C . -7.81 -5.06 2.28
OAT E1J C . -5.35 -3.71 2.30
C4 H81 D . 7.20 -1.72 -3.65
C5 H81 D . 6.20 -0.87 -3.23
C6 H81 D . 6.54 0.42 -2.68
N1 H81 D . 7.83 0.73 -2.58
N2 H81 D . 4.72 -7.44 -4.32
N3 H81 D . 8.51 -1.32 -3.51
C1 H81 D . 5.57 -6.92 -5.39
C2 H81 D . 8.77 -0.12 -2.98
CAA H81 D . 0.98 2.02 2.08
CAB H81 D . 1.98 2.75 1.60
CAC H81 D . 3.27 1.94 1.40
CAF H81 D . 5.67 1.78 0.73
CAG H81 D . 6.62 2.48 -0.27
CAH H81 D . 5.94 2.67 -1.65
CAO H81 D . 6.88 -3.01 -4.20
CAP H81 D . 5.54 -3.39 -4.32
CAR H81 D . 6.24 -5.60 -4.91
CAS H81 D . 4.51 -2.52 -3.91
CAU H81 D . 2.22 -1.91 -3.83
CAV H81 D . 4.82 -1.27 -3.37
CAY H81 D . 11.43 -0.50 -3.20
CAZ H81 D . 12.59 0.39 -2.61
CBA H81 D . 12.14 1.62 -2.66
CBB H81 D . 10.52 1.52 -2.39
NAE H81 D . 4.47 2.60 0.90
NAI H81 D . 5.53 1.37 -2.22
NAX H81 D . 10.14 0.32 -2.84
OAD H81 D . 3.32 0.78 1.66
OAQ H81 D . 5.19 -4.65 -4.87
OAT H81 D . 3.17 -2.93 -4.04
#